data_7VU4
#
_entry.id   7VU4
#
_cell.length_a   26.772
_cell.length_b   52.651
_cell.length_c   67.192
_cell.angle_alpha   90.000
_cell.angle_beta   90.000
_cell.angle_gamma   90.000
#
_symmetry.space_group_name_H-M   'P 21 21 21'
#
loop_
_entity.id
_entity.type
_entity.pdbx_description
1 polymer 'de novo design protein'
2 water water
#
_entity_poly.entity_id   1
_entity_poly.type   'polypeptide(L)'
_entity_poly.pdbx_seq_one_letter_code
;TLQQDRSPDVINIHSLDEYHNIVSENILTVLWFWASDCGPCKEIEEPLKKMAEDFPNVVFAKVNAEENQKIVEKLNVKSL
PTAIIAKGGKYLGHVVGADPDRLREKVQNIIANLEHHHHHH
;
_entity_poly.pdbx_strand_id   A
#
# COMPACT_ATOMS: atom_id res chain seq x y z
N THR A 1 12.54 -13.68 13.58
CA THR A 1 12.12 -13.81 12.14
C THR A 1 13.26 -13.34 11.25
N LEU A 2 13.29 -13.87 10.04
CA LEU A 2 14.24 -13.39 9.04
C LEU A 2 13.68 -12.22 8.24
N GLN A 3 12.35 -12.11 8.14
CA GLN A 3 11.75 -10.99 7.43
C GLN A 3 11.87 -9.69 8.21
N GLN A 4 12.19 -9.78 9.49
CA GLN A 4 12.64 -8.61 10.24
C GLN A 4 13.90 -8.02 9.60
N ASP A 5 14.45 -8.72 8.59
CA ASP A 5 15.60 -8.21 7.83
C ASP A 5 15.49 -6.71 7.61
N ARG A 6 14.31 -6.24 7.18
CA ARG A 6 14.08 -4.82 6.91
C ARG A 6 13.36 -4.17 8.08
N SER A 7 13.24 -2.84 8.00
CA SER A 7 12.58 -2.07 9.06
C SER A 7 11.15 -1.76 8.66
N PRO A 8 10.21 -1.75 9.61
CA PRO A 8 8.79 -1.59 9.24
C PRO A 8 8.36 -0.15 8.97
N ASP A 9 9.32 0.73 8.71
CA ASP A 9 9.00 2.12 8.41
C ASP A 9 8.28 2.23 7.08
N VAL A 10 7.21 3.02 7.05
CA VAL A 10 6.40 3.21 5.85
C VAL A 10 7.04 4.27 4.98
N ILE A 11 7.20 3.97 3.69
CA ILE A 11 7.81 4.91 2.76
C ILE A 11 6.76 5.91 2.30
N ASN A 12 7.17 7.15 2.05
CA ASN A 12 6.33 8.16 1.41
C ASN A 12 6.85 8.40 -0.01
N ILE A 13 5.96 8.26 -1.00
CA ILE A 13 6.30 8.32 -2.41
C ILE A 13 6.07 9.74 -2.91
N HIS A 14 7.07 10.31 -3.56
CA HIS A 14 7.04 11.72 -3.94
C HIS A 14 7.02 11.98 -5.44
N SER A 15 6.99 10.95 -6.27
CA SER A 15 6.95 11.17 -7.71
C SER A 15 6.44 9.92 -8.42
N LEU A 16 5.98 10.11 -9.65
CA LEU A 16 5.58 8.99 -10.49
C LEU A 16 6.78 8.10 -10.80
N ASP A 17 7.95 8.70 -11.00
CA ASP A 17 9.18 7.93 -11.19
C ASP A 17 9.41 6.95 -10.04
N GLU A 18 9.34 7.46 -8.81
CA GLU A 18 9.52 6.61 -7.64
C GLU A 18 8.41 5.56 -7.55
N TYR A 19 7.17 5.95 -7.85
CA TYR A 19 6.06 5.01 -7.79
C TYR A 19 6.31 3.83 -8.72
N HIS A 20 6.62 4.11 -9.99
CA HIS A 20 6.88 3.04 -10.94
C HIS A 20 8.04 2.17 -10.47
N ASN A 21 9.10 2.77 -9.94
CA ASN A 21 10.24 1.98 -9.47
C ASN A 21 9.84 1.04 -8.34
N ILE A 22 9.02 1.51 -7.41
CA ILE A 22 8.64 0.68 -6.27
C ILE A 22 7.69 -0.44 -6.70
N VAL A 23 6.70 -0.11 -7.54
CA VAL A 23 5.74 -1.13 -7.97
C VAL A 23 6.42 -2.20 -8.80
N SER A 24 7.57 -1.90 -9.39
CA SER A 24 8.26 -2.87 -10.24
C SER A 24 8.99 -3.95 -9.45
N GLU A 25 9.24 -3.72 -8.17
CA GLU A 25 10.02 -4.68 -7.39
C GLU A 25 9.25 -5.98 -7.20
N ASN A 26 10.00 -7.08 -7.13
CA ASN A 26 9.41 -8.42 -6.97
C ASN A 26 9.18 -8.72 -5.48
N ILE A 27 8.37 -7.88 -4.86
CA ILE A 27 7.94 -8.06 -3.48
C ILE A 27 6.54 -7.47 -3.37
N LEU A 28 5.69 -8.11 -2.57
CA LEU A 28 4.34 -7.59 -2.40
C LEU A 28 4.41 -6.18 -1.81
N THR A 29 3.70 -5.25 -2.44
CA THR A 29 3.69 -3.85 -2.05
C THR A 29 2.26 -3.37 -1.87
N VAL A 30 2.04 -2.63 -0.78
CA VAL A 30 0.76 -2.00 -0.47
C VAL A 30 0.98 -0.49 -0.53
N LEU A 31 0.26 0.19 -1.43
CA LEU A 31 0.40 1.62 -1.67
C LEU A 31 -0.91 2.30 -1.25
N TRP A 32 -0.81 3.21 -0.30
CA TRP A 32 -1.93 3.78 0.43
C TRP A 32 -2.10 5.23 0.01
N PHE A 33 -3.17 5.51 -0.73
CA PHE A 33 -3.47 6.86 -1.19
C PHE A 33 -4.30 7.57 -0.13
N TRP A 34 -3.80 8.76 0.26
CA TRP A 34 -4.36 9.47 1.41
C TRP A 34 -4.22 10.98 1.23
N ALA A 35 -4.83 11.72 2.15
CA ALA A 35 -4.73 13.17 2.19
C ALA A 35 -4.96 13.65 3.62
N SER A 36 -4.37 14.80 3.95
CA SER A 36 -4.40 15.27 5.33
C SER A 36 -5.82 15.66 5.75
N ASP A 37 -6.62 16.22 4.84
CA ASP A 37 -7.98 16.63 5.14
C ASP A 37 -9.01 15.54 4.88
N CYS A 38 -8.61 14.28 5.06
CA CYS A 38 -9.48 13.12 4.84
C CYS A 38 -9.66 12.41 6.17
N GLY A 39 -10.86 12.48 6.74
CA GLY A 39 -11.13 11.92 8.04
C GLY A 39 -10.86 10.44 8.10
N PRO A 40 -11.50 9.68 7.21
CA PRO A 40 -11.29 8.22 7.22
C PRO A 40 -9.84 7.81 7.00
N CYS A 41 -9.04 8.66 6.37
CA CYS A 41 -7.62 8.34 6.22
C CYS A 41 -6.92 8.29 7.58
N LYS A 42 -7.28 9.21 8.49
CA LYS A 42 -6.62 9.24 9.79
C LYS A 42 -6.82 7.95 10.56
N GLU A 43 -7.99 7.33 10.41
CA GLU A 43 -8.31 6.12 11.16
C GLU A 43 -7.43 4.94 10.79
N ILE A 44 -6.81 4.97 9.61
CA ILE A 44 -6.04 3.83 9.11
C ILE A 44 -4.54 4.06 9.27
N GLU A 45 -4.11 5.23 9.72
CA GLU A 45 -2.68 5.49 9.89
C GLU A 45 -2.04 4.48 10.82
N GLU A 46 -2.60 4.31 12.02
CA GLU A 46 -1.97 3.45 13.01
C GLU A 46 -2.16 1.98 12.65
N PRO A 47 -3.35 1.56 12.21
CA PRO A 47 -3.46 0.20 11.65
C PRO A 47 -2.45 -0.07 10.55
N LEU A 48 -2.15 0.93 9.71
CA LEU A 48 -1.17 0.72 8.64
C LEU A 48 0.22 0.47 9.21
N LYS A 49 0.62 1.25 10.21
CA LYS A 49 1.93 1.04 10.83
C LYS A 49 2.00 -0.32 11.51
N LYS A 50 0.95 -0.70 12.23
CA LYS A 50 0.92 -2.02 12.86
C LYS A 50 1.00 -3.12 11.81
N MET A 51 0.33 -2.93 10.66
CA MET A 51 0.41 -3.92 9.60
C MET A 51 1.82 -4.00 9.04
N ALA A 52 2.50 -2.86 8.91
CA ALA A 52 3.88 -2.87 8.45
C ALA A 52 4.77 -3.64 9.43
N GLU A 53 4.46 -3.56 10.72
CA GLU A 53 5.21 -4.35 11.70
C GLU A 53 4.88 -5.85 11.56
N ASP A 54 3.60 -6.17 11.38
CA ASP A 54 3.18 -7.57 11.37
C ASP A 54 3.57 -8.28 10.08
N PHE A 55 3.71 -7.54 8.97
CA PHE A 55 4.06 -8.10 7.67
C PHE A 55 5.42 -7.54 7.23
N PRO A 56 6.51 -7.96 7.85
CA PRO A 56 7.83 -7.44 7.46
C PRO A 56 8.29 -7.93 6.09
N ASN A 57 7.60 -8.91 5.49
CA ASN A 57 7.86 -9.32 4.11
C ASN A 57 7.12 -8.47 3.09
N VAL A 58 6.38 -7.46 3.53
CA VAL A 58 5.55 -6.64 2.65
C VAL A 58 6.02 -5.21 2.76
N VAL A 59 6.21 -4.57 1.60
CA VAL A 59 6.56 -3.15 1.56
C VAL A 59 5.28 -2.33 1.67
N PHE A 60 5.27 -1.37 2.59
CA PHE A 60 4.14 -0.46 2.76
C PHE A 60 4.59 0.95 2.41
N ALA A 61 3.85 1.60 1.53
CA ALA A 61 4.19 2.93 1.05
C ALA A 61 2.93 3.78 1.06
N LYS A 62 3.11 5.08 1.25
CA LYS A 62 2.01 6.04 1.23
C LYS A 62 2.19 6.97 0.05
N VAL A 63 1.08 7.29 -0.61
CA VAL A 63 1.03 8.22 -1.73
C VAL A 63 0.05 9.31 -1.33
N ASN A 64 0.57 10.50 -1.06
CA ASN A 64 -0.29 11.62 -0.74
C ASN A 64 -0.95 12.13 -2.01
N ALA A 65 -2.29 12.19 -2.00
CA ALA A 65 -3.01 12.49 -3.23
C ALA A 65 -2.90 13.96 -3.62
N GLU A 66 -2.74 14.84 -2.63
CA GLU A 66 -2.59 16.26 -2.93
C GLU A 66 -1.24 16.54 -3.58
N GLU A 67 -0.22 15.80 -3.16
CA GLU A 67 1.14 15.94 -3.69
C GLU A 67 1.30 15.27 -5.04
N ASN A 68 0.57 14.19 -5.29
CA ASN A 68 0.79 13.38 -6.47
C ASN A 68 -0.46 13.27 -7.34
N GLN A 69 -0.94 14.42 -7.84
CA GLN A 69 -2.12 14.40 -8.69
C GLN A 69 -1.92 13.54 -9.93
N LYS A 70 -0.69 13.50 -10.46
CA LYS A 70 -0.43 12.73 -11.67
C LYS A 70 -0.65 11.23 -11.44
N ILE A 71 -0.24 10.72 -10.27
CA ILE A 71 -0.44 9.31 -9.97
C ILE A 71 -1.92 9.03 -9.76
N VAL A 72 -2.61 9.91 -9.03
CA VAL A 72 -4.06 9.76 -8.84
C VAL A 72 -4.75 9.68 -10.20
N GLU A 73 -4.36 10.54 -11.14
CA GLU A 73 -4.97 10.52 -12.46
C GLU A 73 -4.66 9.22 -13.19
N LYS A 74 -3.37 8.85 -13.24
CA LYS A 74 -2.98 7.67 -14.01
C LYS A 74 -3.68 6.42 -13.52
N LEU A 75 -3.78 6.25 -12.20
CA LEU A 75 -4.42 5.08 -11.63
C LEU A 75 -5.93 5.21 -11.51
N ASN A 76 -6.49 6.38 -11.79
CA ASN A 76 -7.92 6.63 -11.65
C ASN A 76 -8.39 6.29 -10.23
N VAL A 77 -7.67 6.80 -9.24
CA VAL A 77 -8.10 6.73 -7.85
C VAL A 77 -9.26 7.71 -7.67
N LYS A 78 -10.41 7.20 -7.22
CA LYS A 78 -11.64 7.97 -7.21
C LYS A 78 -12.10 8.39 -5.82
N SER A 79 -11.55 7.80 -4.76
CA SER A 79 -11.93 8.18 -3.40
C SER A 79 -10.80 7.81 -2.46
N LEU A 80 -10.76 8.48 -1.31
CA LEU A 80 -9.71 8.26 -0.33
C LEU A 80 -10.30 7.73 0.98
N PRO A 81 -9.56 6.89 1.72
CA PRO A 81 -8.26 6.34 1.29
C PRO A 81 -8.45 5.21 0.29
N THR A 82 -7.43 4.93 -0.52
CA THR A 82 -7.49 3.75 -1.38
C THR A 82 -6.15 3.02 -1.29
N ALA A 83 -6.20 1.71 -1.06
CA ALA A 83 -5.00 0.88 -1.00
C ALA A 83 -4.91 0.06 -2.28
N ILE A 84 -3.76 0.10 -2.95
CA ILE A 84 -3.48 -0.69 -4.13
C ILE A 84 -2.40 -1.71 -3.77
N ILE A 85 -2.60 -2.95 -4.18
CA ILE A 85 -1.70 -4.05 -3.86
C ILE A 85 -1.11 -4.58 -5.15
N ALA A 86 0.22 -4.63 -5.22
CA ALA A 86 0.93 -4.96 -6.44
C ALA A 86 2.16 -5.81 -6.13
N LYS A 87 2.71 -6.44 -7.16
CA LYS A 87 3.97 -7.17 -7.05
C LYS A 87 4.59 -7.28 -8.44
N GLY A 88 5.86 -6.91 -8.56
CA GLY A 88 6.56 -7.06 -9.82
C GLY A 88 5.88 -6.41 -11.00
N GLY A 89 5.34 -5.21 -10.80
CA GLY A 89 4.68 -4.48 -11.86
C GLY A 89 3.25 -4.89 -12.10
N LYS A 90 2.74 -5.89 -11.39
CA LYS A 90 1.40 -6.41 -11.59
C LYS A 90 0.48 -5.95 -10.48
N TYR A 91 -0.73 -5.55 -10.85
CA TYR A 91 -1.72 -5.10 -9.88
C TYR A 91 -2.59 -6.28 -9.45
N LEU A 92 -2.64 -6.49 -8.13
CA LEU A 92 -3.22 -7.70 -7.57
C LEU A 92 -4.45 -7.44 -6.71
N GLY A 93 -4.65 -6.22 -6.24
CA GLY A 93 -5.87 -5.94 -5.51
C GLY A 93 -6.01 -4.48 -5.20
N HIS A 94 -7.20 -4.10 -4.72
CA HIS A 94 -7.34 -2.78 -4.14
C HIS A 94 -8.51 -2.78 -3.17
N VAL A 95 -8.33 -2.00 -2.11
CA VAL A 95 -9.30 -1.83 -1.04
C VAL A 95 -9.63 -0.35 -0.96
N VAL A 96 -10.89 -0.01 -1.20
CA VAL A 96 -11.35 1.37 -1.17
C VAL A 96 -12.04 1.62 0.16
N GLY A 97 -11.66 2.70 0.84
CA GLY A 97 -12.29 3.07 2.09
C GLY A 97 -11.43 2.72 3.29
N ALA A 98 -11.88 3.19 4.45
CA ALA A 98 -11.14 3.05 5.70
C ALA A 98 -11.56 1.76 6.39
N ASP A 99 -10.93 0.65 6.01
CA ASP A 99 -11.23 -0.66 6.57
C ASP A 99 -9.94 -1.43 6.74
N PRO A 100 -9.31 -1.34 7.93
CA PRO A 100 -8.02 -2.02 8.11
C PRO A 100 -8.13 -3.54 8.02
N ASP A 101 -9.22 -4.11 8.54
CA ASP A 101 -9.35 -5.56 8.56
C ASP A 101 -9.53 -6.12 7.16
N ARG A 102 -10.28 -5.42 6.30
CA ARG A 102 -10.40 -5.86 4.92
C ARG A 102 -9.04 -5.88 4.25
N LEU A 103 -8.25 -4.82 4.44
CA LEU A 103 -6.93 -4.76 3.82
C LEU A 103 -6.02 -5.86 4.33
N ARG A 104 -6.04 -6.11 5.64
CA ARG A 104 -5.21 -7.17 6.21
C ARG A 104 -5.60 -8.53 5.63
N GLU A 105 -6.90 -8.82 5.61
CA GLU A 105 -7.37 -10.07 5.01
C GLU A 105 -6.92 -10.19 3.57
N LYS A 106 -7.00 -9.10 2.80
CA LYS A 106 -6.65 -9.17 1.39
C LYS A 106 -5.16 -9.40 1.20
N VAL A 107 -4.33 -8.75 2.03
CA VAL A 107 -2.88 -8.97 1.94
C VAL A 107 -2.55 -10.43 2.24
N GLN A 108 -3.13 -10.96 3.33
CA GLN A 108 -2.87 -12.36 3.68
C GLN A 108 -3.30 -13.30 2.55
N ASN A 109 -4.50 -13.06 2.01
CA ASN A 109 -5.02 -13.93 0.95
C ASN A 109 -4.16 -13.87 -0.29
N ILE A 110 -3.69 -12.67 -0.66
CA ILE A 110 -2.85 -12.54 -1.84
C ILE A 110 -1.52 -13.25 -1.63
N ILE A 111 -0.93 -13.10 -0.44
CA ILE A 111 0.32 -13.81 -0.14
C ILE A 111 0.12 -15.30 -0.32
N ALA A 112 -0.94 -15.85 0.28
CA ALA A 112 -1.20 -17.28 0.19
C ALA A 112 -1.38 -17.72 -1.26
N ASN A 113 -2.16 -16.95 -2.04
CA ASN A 113 -2.40 -17.31 -3.43
C ASN A 113 -1.10 -17.29 -4.23
N LEU A 114 -0.30 -16.23 -4.07
CA LEU A 114 0.95 -16.13 -4.80
C LEU A 114 1.88 -17.28 -4.45
N GLU A 115 2.00 -17.62 -3.16
CA GLU A 115 2.97 -18.62 -2.76
C GLU A 115 2.55 -20.02 -3.16
N HIS A 116 1.25 -20.32 -3.10
CA HIS A 116 0.77 -21.66 -3.40
C HIS A 116 0.28 -21.82 -4.83
N HIS A 117 0.53 -20.83 -5.69
CA HIS A 117 0.25 -20.97 -7.11
C HIS A 117 1.25 -21.97 -7.73
#